data_1B02
#
_entry.id   1B02
#
_cell.length_a   55.570
_cell.length_b   105.010
_cell.length_c   117.260
_cell.angle_alpha   90.00
_cell.angle_beta   90.00
_cell.angle_gamma   90.00
#
_symmetry.space_group_name_H-M   'P 21 21 21'
#
loop_
_entity.id
_entity.type
_entity.pdbx_description
1 polymer 'PROTEIN (THYMIDYLATE SYNTHASE)'
2 non-polymer "5-FLUORO-2'-DEOXYURIDINE-5'-MONOPHOSPHATE"
3 non-polymer '5-METHYL-5,6,7,8-TETRAHYDROFOLIC ACID'
4 water water
#
_entity_poly.entity_id   1
_entity_poly.type   'polypeptide(L)'
_entity_poly.pdbx_seq_one_letter_code
;MTQFDKQYNSIIKDIINNGISDEEFDVRTKWDSDGTPAHTLSVISKQMRFDNSEVPILTTKKVAWKTAIKELLWIWQLKS
NDVNDLNMMGVHIWDQWKQEDGTIGHAYGFQLGKKNRSLNGEKVDQVDYLLHQLKNNPSSRRHITMLWNPDELDAMALTP
CVYETQWYVKHGKLHLEVRARSNDMALGNPFNVFQYNVLQRMIAQVTGYELGEYIFNIGDCHVYTRHIDNLKIQMEREQF
EAPELWINPEVKDFYDFTIDDFKLINYKHGDKLLFEVAV
;
_entity_poly.pdbx_strand_id   A
#
loop_
_chem_comp.id
_chem_comp.type
_chem_comp.name
_chem_comp.formula
C2F non-polymer '5-METHYL-5,6,7,8-TETRAHYDROFOLIC ACID' 'C20 H25 N7 O6'
UFP DNA linking 5-FLUORO-2'-DEOXYURIDINE-5'-MONOPHOSPHATE 'C9 H12 F N2 O8 P'
#
# COMPACT_ATOMS: atom_id res chain seq x y z
N MET A 1 -21.90 -3.13 -3.67
CA MET A 1 -21.79 -4.35 -2.82
C MET A 1 -20.74 -4.19 -1.71
N THR A 2 -19.58 -3.65 -2.06
CA THR A 2 -18.53 -3.43 -1.07
C THR A 2 -18.07 -1.97 -1.08
N GLN A 3 -17.48 -1.53 0.03
CA GLN A 3 -17.01 -0.16 0.14
C GLN A 3 -15.92 0.17 -0.86
N PHE A 4 -14.90 -0.69 -0.93
CA PHE A 4 -13.79 -0.48 -1.83
C PHE A 4 -14.20 -0.52 -3.31
N ASP A 5 -14.96 -1.55 -3.69
CA ASP A 5 -15.40 -1.68 -5.07
C ASP A 5 -16.16 -0.45 -5.53
N LYS A 6 -17.10 0.01 -4.71
CA LYS A 6 -17.91 1.17 -5.04
C LYS A 6 -17.07 2.44 -5.22
N GLN A 7 -16.14 2.68 -4.30
CA GLN A 7 -15.28 3.86 -4.35
C GLN A 7 -14.27 3.74 -5.49
N TYR A 8 -13.72 2.54 -5.64
CA TYR A 8 -12.73 2.28 -6.69
C TYR A 8 -13.31 2.51 -8.07
N ASN A 9 -14.44 1.86 -8.35
CA ASN A 9 -15.10 1.99 -9.65
C ASN A 9 -15.41 3.44 -10.01
N SER A 10 -15.87 4.20 -9.03
CA SER A 10 -16.22 5.60 -9.25
C SER A 10 -15.02 6.45 -9.66
N ILE A 11 -13.90 6.25 -8.99
CA ILE A 11 -12.68 7.00 -9.30
C ILE A 11 -12.19 6.65 -10.69
N ILE A 12 -12.26 5.36 -11.04
CA ILE A 12 -11.83 4.90 -12.35
C ILE A 12 -12.71 5.53 -13.42
N LYS A 13 -14.01 5.56 -13.17
CA LYS A 13 -14.95 6.15 -14.11
C LYS A 13 -14.59 7.61 -14.33
N ASP A 14 -14.28 8.31 -13.25
CA ASP A 14 -13.91 9.71 -13.32
C ASP A 14 -12.68 9.94 -14.19
N ILE A 15 -11.65 9.14 -13.95
CA ILE A 15 -10.40 9.25 -14.71
C ILE A 15 -10.60 8.96 -16.20
N ILE A 16 -11.48 8.01 -16.50
CA ILE A 16 -11.74 7.63 -17.88
C ILE A 16 -12.59 8.67 -18.62
N ASN A 17 -13.39 9.42 -17.87
CA ASN A 17 -14.26 10.42 -18.48
C ASN A 17 -13.76 11.85 -18.38
N ASN A 18 -12.97 12.15 -17.35
CA ASN A 18 -12.46 13.51 -17.16
C ASN A 18 -10.96 13.55 -16.90
N GLY A 19 -10.29 12.43 -17.08
CA GLY A 19 -8.85 12.40 -16.86
C GLY A 19 -8.10 13.24 -17.86
N ILE A 20 -6.91 13.67 -17.47
CA ILE A 20 -6.06 14.48 -18.33
C ILE A 20 -4.93 13.60 -18.85
N SER A 21 -4.70 13.63 -20.16
CA SER A 21 -3.65 12.83 -20.77
C SER A 21 -2.31 13.55 -20.75
N ASP A 22 -1.23 12.77 -20.71
CA ASP A 22 0.12 13.33 -20.69
C ASP A 22 0.89 12.85 -21.92
N GLU A 23 0.14 12.52 -22.98
CA GLU A 23 0.72 12.03 -24.22
C GLU A 23 1.69 13.03 -24.86
N GLU A 24 1.49 14.31 -24.57
CA GLU A 24 2.33 15.36 -25.14
C GLU A 24 3.62 15.60 -24.38
N PHE A 25 3.83 14.87 -23.28
CA PHE A 25 5.03 15.05 -22.48
C PHE A 25 5.95 13.85 -22.44
N ASP A 26 7.20 14.11 -22.08
CA ASP A 26 8.20 13.06 -21.98
C ASP A 26 8.11 12.43 -20.60
N VAL A 27 7.18 11.49 -20.47
CA VAL A 27 6.96 10.79 -19.21
C VAL A 27 8.14 9.89 -18.84
N ARG A 28 8.25 9.57 -17.57
CA ARG A 28 9.34 8.74 -17.05
C ARG A 28 9.15 7.24 -17.29
N THR A 29 7.91 6.80 -17.31
CA THR A 29 7.60 5.38 -17.49
C THR A 29 7.59 4.87 -18.94
N LYS A 30 8.10 3.66 -19.11
CA LYS A 30 8.15 2.99 -20.41
C LYS A 30 7.50 1.61 -20.23
N TRP A 31 6.79 1.15 -21.26
CA TRP A 31 6.13 -0.15 -21.19
C TRP A 31 7.11 -1.31 -21.10
N ASP A 32 6.76 -2.30 -20.28
CA ASP A 32 7.59 -3.48 -20.06
C ASP A 32 8.00 -4.20 -21.35
N SER A 33 7.02 -4.43 -22.23
CA SER A 33 7.30 -5.12 -23.49
C SER A 33 8.11 -4.31 -24.50
N ASP A 34 7.42 -3.52 -25.32
CA ASP A 34 8.07 -2.73 -26.37
C ASP A 34 9.00 -1.60 -25.93
N GLY A 35 8.94 -1.21 -24.66
CA GLY A 35 9.81 -0.16 -24.18
C GLY A 35 9.41 1.23 -24.67
N THR A 36 8.16 1.35 -25.13
CA THR A 36 7.66 2.64 -25.61
C THR A 36 7.11 3.45 -24.44
N PRO A 37 7.03 4.78 -24.60
CA PRO A 37 6.52 5.63 -23.53
C PRO A 37 5.17 5.18 -22.99
N ALA A 38 5.08 5.03 -21.67
CA ALA A 38 3.86 4.61 -21.00
C ALA A 38 3.13 5.87 -20.51
N HIS A 39 2.02 6.18 -21.15
CA HIS A 39 1.25 7.36 -20.79
C HIS A 39 0.01 7.02 -19.97
N THR A 40 -0.56 8.03 -19.35
CA THR A 40 -1.73 7.85 -18.50
C THR A 40 -2.78 8.93 -18.69
N LEU A 41 -3.90 8.72 -18.04
CA LEU A 41 -5.01 9.65 -18.01
C LEU A 41 -5.09 9.86 -16.51
N SER A 42 -5.16 11.10 -16.04
CA SER A 42 -5.18 11.31 -14.60
C SER A 42 -6.04 12.43 -14.05
N VAL A 43 -6.19 12.40 -12.73
CA VAL A 43 -6.91 13.39 -11.95
C VAL A 43 -6.05 13.56 -10.72
N ILE A 44 -6.32 14.58 -9.90
CA ILE A 44 -5.53 14.80 -8.70
C ILE A 44 -6.35 14.90 -7.43
N SER A 45 -5.68 14.60 -6.31
CA SER A 45 -6.30 14.67 -4.99
C SER A 45 -7.59 13.88 -4.87
N LYS A 46 -7.46 12.56 -4.67
CA LYS A 46 -8.62 11.70 -4.53
C LYS A 46 -8.49 11.01 -3.18
N GLN A 47 -9.62 10.75 -2.53
CA GLN A 47 -9.60 10.11 -1.22
C GLN A 47 -10.60 8.98 -1.07
N MET A 48 -10.21 7.96 -0.31
CA MET A 48 -11.06 6.81 -0.06
C MET A 48 -11.14 6.65 1.47
N ARG A 49 -12.36 6.48 1.96
CA ARG A 49 -12.58 6.33 3.40
C ARG A 49 -13.27 5.03 3.75
N PHE A 50 -12.83 4.41 4.84
CA PHE A 50 -13.41 3.14 5.29
C PHE A 50 -13.57 3.18 6.81
N ASP A 51 -14.70 2.68 7.30
CA ASP A 51 -14.96 2.66 8.74
C ASP A 51 -14.43 1.37 9.37
N ASN A 52 -13.91 0.48 8.54
CA ASN A 52 -13.34 -0.79 8.97
C ASN A 52 -14.39 -1.84 9.36
N SER A 53 -15.62 -1.65 8.88
CA SER A 53 -16.68 -2.61 9.15
C SER A 53 -16.54 -3.72 8.10
N GLU A 54 -15.66 -3.48 7.14
CA GLU A 54 -15.39 -4.43 6.06
C GLU A 54 -13.90 -4.43 5.79
N VAL A 55 -13.43 -5.46 5.10
CA VAL A 55 -12.02 -5.54 4.74
C VAL A 55 -11.93 -4.93 3.34
N PRO A 56 -11.13 -3.87 3.18
CA PRO A 56 -10.98 -3.22 1.87
C PRO A 56 -10.22 -4.04 0.84
N ILE A 57 -10.96 -4.77 0.02
CA ILE A 57 -10.37 -5.59 -1.04
C ILE A 57 -11.35 -5.67 -2.20
N LEU A 58 -10.82 -5.64 -3.42
CA LEU A 58 -11.65 -5.70 -4.62
C LEU A 58 -12.21 -7.10 -4.85
N THR A 59 -13.43 -7.17 -5.35
CA THR A 59 -14.06 -8.46 -5.63
C THR A 59 -14.40 -8.61 -7.11
N THR A 60 -14.18 -7.55 -7.88
CA THR A 60 -14.45 -7.55 -9.31
C THR A 60 -13.33 -8.24 -10.07
N LYS A 61 -12.27 -8.58 -9.36
CA LYS A 61 -11.13 -9.25 -9.96
C LYS A 61 -10.35 -9.99 -8.87
N LYS A 62 -9.48 -10.90 -9.27
CA LYS A 62 -8.69 -11.65 -8.31
C LYS A 62 -7.51 -10.81 -7.83
N VAL A 63 -7.47 -10.54 -6.52
CA VAL A 63 -6.39 -9.75 -5.95
C VAL A 63 -5.40 -10.66 -5.25
N ALA A 64 -4.12 -10.54 -5.60
CA ALA A 64 -3.07 -11.35 -5.00
C ALA A 64 -2.79 -10.82 -3.59
N TRP A 65 -3.79 -10.94 -2.72
CA TRP A 65 -3.69 -10.46 -1.35
C TRP A 65 -2.52 -11.02 -0.55
N LYS A 66 -2.17 -12.27 -0.79
CA LYS A 66 -1.05 -12.89 -0.07
C LYS A 66 0.25 -12.16 -0.42
N THR A 67 0.41 -11.84 -1.69
CA THR A 67 1.60 -11.13 -2.17
C THR A 67 1.66 -9.73 -1.57
N ALA A 68 0.51 -9.09 -1.47
CA ALA A 68 0.42 -7.74 -0.91
C ALA A 68 0.93 -7.74 0.53
N ILE A 69 0.46 -8.70 1.33
CA ILE A 69 0.88 -8.80 2.73
C ILE A 69 2.37 -9.13 2.83
N LYS A 70 2.85 -9.97 1.93
CA LYS A 70 4.26 -10.35 1.93
C LYS A 70 5.13 -9.12 1.70
N GLU A 71 4.71 -8.26 0.76
CA GLU A 71 5.46 -7.05 0.47
C GLU A 71 5.44 -6.14 1.68
N LEU A 72 4.28 -6.05 2.33
CA LEU A 72 4.13 -5.23 3.52
C LEU A 72 5.13 -5.65 4.60
N LEU A 73 5.18 -6.95 4.87
CA LEU A 73 6.08 -7.48 5.88
C LEU A 73 7.53 -7.24 5.49
N TRP A 74 7.80 -7.29 4.18
CA TRP A 74 9.15 -7.08 3.67
C TRP A 74 9.61 -5.65 4.00
N ILE A 75 8.69 -4.70 3.88
CA ILE A 75 9.00 -3.29 4.14
C ILE A 75 8.94 -2.89 5.61
N TRP A 76 7.80 -3.15 6.25
CA TRP A 76 7.58 -2.77 7.64
C TRP A 76 8.15 -3.66 8.74
N GLN A 77 8.08 -4.98 8.56
CA GLN A 77 8.58 -5.91 9.57
C GLN A 77 10.06 -6.27 9.37
N LEU A 78 10.39 -6.73 8.18
CA LEU A 78 11.77 -7.11 7.88
C LEU A 78 12.62 -5.85 7.72
N LYS A 79 11.99 -4.80 7.22
CA LYS A 79 12.68 -3.53 7.00
C LYS A 79 13.92 -3.75 6.15
N SER A 80 13.75 -4.43 5.01
CA SER A 80 14.86 -4.69 4.13
C SER A 80 14.59 -4.10 2.76
N ASN A 81 15.67 -3.80 2.03
CA ASN A 81 15.56 -3.25 0.70
C ASN A 81 16.13 -4.27 -0.28
N ASP A 82 16.27 -5.50 0.21
CA ASP A 82 16.81 -6.59 -0.60
C ASP A 82 15.70 -7.30 -1.36
N VAL A 83 15.64 -7.05 -2.66
CA VAL A 83 14.64 -7.67 -3.53
C VAL A 83 14.77 -9.18 -3.42
N ASN A 84 15.98 -9.61 -3.08
CA ASN A 84 16.29 -11.03 -2.92
C ASN A 84 15.48 -11.66 -1.80
N ASP A 85 15.38 -10.97 -0.66
CA ASP A 85 14.61 -11.47 0.47
C ASP A 85 13.18 -11.68 0.02
N LEU A 86 12.71 -10.78 -0.85
CA LEU A 86 11.36 -10.82 -1.38
C LEU A 86 11.18 -12.01 -2.35
N ASN A 87 12.20 -12.26 -3.17
CA ASN A 87 12.16 -13.38 -4.11
C ASN A 87 12.02 -14.66 -3.31
N MET A 88 12.69 -14.70 -2.17
CA MET A 88 12.65 -15.86 -1.28
C MET A 88 11.22 -16.22 -0.94
N MET A 89 10.40 -15.19 -0.69
CA MET A 89 9.01 -15.40 -0.34
C MET A 89 8.17 -15.74 -1.57
N GLY A 90 8.80 -15.67 -2.73
CA GLY A 90 8.11 -15.99 -3.98
C GLY A 90 7.45 -14.80 -4.65
N VAL A 91 7.98 -13.60 -4.40
CA VAL A 91 7.43 -12.39 -5.00
C VAL A 91 8.44 -11.76 -5.94
N HIS A 92 7.97 -11.35 -7.12
CA HIS A 92 8.86 -10.74 -8.11
C HIS A 92 8.30 -9.43 -8.66
N ILE A 93 7.37 -8.83 -7.93
CA ILE A 93 6.77 -7.57 -8.37
C ILE A 93 7.75 -6.40 -8.33
N TRP A 94 8.88 -6.58 -7.67
CA TRP A 94 9.89 -5.53 -7.56
C TRP A 94 11.16 -5.83 -8.37
N ASP A 95 11.19 -7.00 -8.99
CA ASP A 95 12.34 -7.43 -9.77
C ASP A 95 12.79 -6.45 -10.84
N GLN A 96 11.84 -5.78 -11.47
CA GLN A 96 12.14 -4.83 -12.54
C GLN A 96 12.99 -3.64 -12.12
N TRP A 97 12.97 -3.30 -10.83
CA TRP A 97 13.75 -2.17 -10.36
C TRP A 97 14.93 -2.58 -9.50
N LYS A 98 15.13 -3.88 -9.36
CA LYS A 98 16.24 -4.40 -8.57
C LYS A 98 17.53 -3.79 -9.10
N GLN A 99 18.36 -3.27 -8.21
CA GLN A 99 19.63 -2.67 -8.61
C GLN A 99 20.71 -3.73 -8.72
N GLU A 100 21.92 -3.30 -9.08
CA GLU A 100 23.05 -4.21 -9.22
C GLU A 100 23.33 -4.97 -7.93
N ASP A 101 23.20 -4.29 -6.80
CA ASP A 101 23.44 -4.91 -5.50
C ASP A 101 22.24 -5.73 -5.01
N GLY A 102 21.26 -5.91 -5.89
CA GLY A 102 20.08 -6.68 -5.52
C GLY A 102 19.05 -5.94 -4.69
N THR A 103 19.36 -4.68 -4.34
CA THR A 103 18.44 -3.87 -3.54
C THR A 103 17.75 -2.81 -4.38
N ILE A 104 16.86 -2.05 -3.75
CA ILE A 104 16.16 -0.97 -4.43
C ILE A 104 16.67 0.37 -3.90
N GLY A 105 17.89 0.36 -3.39
CA GLY A 105 18.48 1.58 -2.86
C GLY A 105 18.10 1.89 -1.43
N HIS A 106 18.42 3.11 -0.99
CA HIS A 106 18.10 3.55 0.36
C HIS A 106 16.64 3.95 0.44
N ALA A 107 15.75 3.00 0.15
CA ALA A 107 14.33 3.28 0.17
C ALA A 107 13.51 2.25 0.93
N TYR A 108 12.23 2.56 1.11
CA TYR A 108 11.29 1.67 1.80
C TYR A 108 11.87 1.09 3.09
N GLY A 109 11.94 -0.23 3.16
CA GLY A 109 12.45 -0.91 4.34
C GLY A 109 13.69 -0.26 4.93
N PHE A 110 14.58 0.21 4.07
CA PHE A 110 15.81 0.86 4.51
C PHE A 110 15.53 2.07 5.40
N GLN A 111 14.53 2.85 5.03
CA GLN A 111 14.17 4.05 5.79
C GLN A 111 13.54 3.67 7.13
N LEU A 112 12.59 2.75 7.10
CA LEU A 112 11.90 2.31 8.30
C LEU A 112 12.83 1.60 9.27
N GLY A 113 13.98 1.14 8.77
CA GLY A 113 14.93 0.44 9.62
C GLY A 113 16.04 1.31 10.19
N LYS A 114 16.19 2.51 9.64
CA LYS A 114 17.21 3.45 10.10
C LYS A 114 16.96 3.85 11.56
N LYS A 115 17.99 3.70 12.40
CA LYS A 115 17.88 4.07 13.80
C LYS A 115 18.21 5.55 13.94
N ASN A 116 17.21 6.40 13.77
CA ASN A 116 17.43 7.85 13.85
C ASN A 116 16.57 8.58 14.87
N ARG A 117 15.87 7.83 15.73
CA ARG A 117 15.03 8.43 16.74
C ARG A 117 15.54 8.13 18.14
N SER A 118 15.63 9.16 18.97
CA SER A 118 16.09 8.98 20.35
C SER A 118 14.89 8.69 21.23
N LEU A 119 14.93 7.55 21.91
CA LEU A 119 13.83 7.16 22.78
C LEU A 119 14.25 7.27 24.25
N ASN A 120 14.97 6.27 24.73
CA ASN A 120 15.44 6.26 26.11
C ASN A 120 16.95 6.10 26.15
N GLY A 121 17.67 7.13 25.72
CA GLY A 121 19.11 7.08 25.72
C GLY A 121 19.67 6.17 24.64
N GLU A 122 18.79 5.68 23.77
CA GLU A 122 19.21 4.81 22.67
C GLU A 122 18.47 5.18 21.40
N LYS A 123 19.01 4.75 20.25
CA LYS A 123 18.42 5.05 18.96
C LYS A 123 17.51 3.93 18.48
N VAL A 124 16.34 4.31 17.97
CA VAL A 124 15.38 3.34 17.45
C VAL A 124 14.91 3.83 16.09
N ASP A 125 14.33 2.92 15.30
CA ASP A 125 13.84 3.31 13.97
C ASP A 125 12.40 3.79 14.04
N GLN A 126 11.92 4.32 12.92
CA GLN A 126 10.57 4.85 12.83
C GLN A 126 9.48 3.89 13.33
N VAL A 127 9.63 2.61 13.03
CA VAL A 127 8.63 1.62 13.44
C VAL A 127 8.61 1.39 14.94
N ASP A 128 9.78 1.17 15.53
CA ASP A 128 9.87 0.93 16.97
C ASP A 128 9.37 2.16 17.73
N TYR A 129 9.79 3.33 17.27
CA TYR A 129 9.39 4.59 17.89
C TYR A 129 7.87 4.76 17.87
N LEU A 130 7.26 4.50 16.71
CA LEU A 130 5.81 4.64 16.57
C LEU A 130 5.05 3.68 17.48
N LEU A 131 5.54 2.46 17.60
CA LEU A 131 4.90 1.45 18.44
C LEU A 131 4.93 1.87 19.92
N HIS A 132 6.05 2.44 20.33
CA HIS A 132 6.21 2.89 21.71
C HIS A 132 5.30 4.10 21.99
N GLN A 133 5.36 5.10 21.11
CA GLN A 133 4.56 6.31 21.27
C GLN A 133 3.05 6.07 21.22
N LEU A 134 2.62 5.13 20.40
CA LEU A 134 1.20 4.84 20.28
C LEU A 134 0.65 4.34 21.62
N LYS A 135 1.51 3.72 22.41
CA LYS A 135 1.12 3.18 23.70
C LYS A 135 1.36 4.17 24.83
N ASN A 136 2.55 4.75 24.87
CA ASN A 136 2.93 5.69 25.92
C ASN A 136 2.61 7.16 25.67
N ASN A 137 2.08 7.48 24.50
CA ASN A 137 1.75 8.86 24.17
C ASN A 137 0.70 8.92 23.06
N PRO A 138 -0.47 8.33 23.31
CA PRO A 138 -1.58 8.29 22.35
C PRO A 138 -2.01 9.63 21.75
N SER A 139 -2.16 10.64 22.60
CA SER A 139 -2.61 11.96 22.16
C SER A 139 -1.65 12.72 21.24
N SER A 140 -0.41 12.23 21.12
CA SER A 140 0.56 12.90 20.26
C SER A 140 0.00 13.20 18.87
N ARG A 141 0.35 14.37 18.35
CA ARG A 141 -0.10 14.77 17.02
C ARG A 141 1.09 14.65 16.08
N ARG A 142 2.00 13.74 16.41
CA ARG A 142 3.18 13.51 15.61
C ARG A 142 3.41 12.03 15.29
N HIS A 143 2.33 11.25 15.25
CA HIS A 143 2.42 9.82 14.93
C HIS A 143 2.58 9.71 13.41
N ILE A 144 3.80 9.90 12.94
CA ILE A 144 4.07 9.86 11.51
C ILE A 144 5.25 8.99 11.10
N THR A 145 5.10 8.32 9.97
CA THR A 145 6.15 7.50 9.39
C THR A 145 6.42 8.16 8.04
N MET A 146 7.70 8.33 7.69
CA MET A 146 8.05 8.98 6.44
C MET A 146 9.07 8.20 5.63
N LEU A 147 8.67 7.82 4.43
CA LEU A 147 9.54 7.07 3.52
C LEU A 147 10.26 8.07 2.61
N TRP A 148 9.67 9.25 2.48
CA TRP A 148 10.23 10.30 1.64
C TRP A 148 11.33 11.10 2.34
N ASN A 149 12.50 10.47 2.47
CA ASN A 149 13.64 11.13 3.10
C ASN A 149 14.32 12.01 2.05
N PRO A 150 14.18 13.33 2.18
CA PRO A 150 14.76 14.30 1.24
C PRO A 150 16.27 14.18 1.01
N ASP A 151 16.98 13.68 2.01
CA ASP A 151 18.42 13.55 1.92
C ASP A 151 18.90 12.37 1.07
N GLU A 152 18.10 11.31 0.98
CA GLU A 152 18.51 10.14 0.22
C GLU A 152 17.65 9.82 -1.01
N LEU A 153 16.87 10.79 -1.46
CA LEU A 153 16.01 10.62 -2.62
C LEU A 153 16.79 10.16 -3.86
N ASP A 154 18.01 10.67 -4.00
CA ASP A 154 18.85 10.33 -5.13
C ASP A 154 19.41 8.91 -5.02
N ALA A 155 19.36 8.34 -3.82
CA ALA A 155 19.88 7.00 -3.61
C ALA A 155 18.76 5.95 -3.57
N MET A 156 17.64 6.26 -4.20
CA MET A 156 16.51 5.35 -4.23
C MET A 156 16.25 4.90 -5.66
N ALA A 157 16.17 3.58 -5.87
CA ALA A 157 15.91 3.03 -7.19
C ALA A 157 14.60 3.61 -7.73
N LEU A 158 13.64 3.78 -6.83
CA LEU A 158 12.34 4.33 -7.19
C LEU A 158 11.74 4.98 -5.95
N THR A 159 11.56 6.29 -6.00
CA THR A 159 10.98 7.02 -4.88
C THR A 159 9.63 6.41 -4.51
N PRO A 160 9.36 6.25 -3.21
CA PRO A 160 8.11 5.67 -2.72
C PRO A 160 6.82 6.29 -3.25
N CYS A 161 5.85 5.43 -3.58
CA CYS A 161 4.56 5.90 -4.06
C CYS A 161 3.69 6.20 -2.85
N VAL A 162 3.61 5.24 -1.93
CA VAL A 162 2.87 5.40 -0.68
C VAL A 162 4.04 5.65 0.28
N TYR A 163 4.32 6.92 0.53
CA TYR A 163 5.45 7.33 1.35
C TYR A 163 5.18 7.74 2.80
N GLU A 164 3.92 7.93 3.17
CA GLU A 164 3.65 8.36 4.54
C GLU A 164 2.35 7.84 5.14
N THR A 165 2.31 7.84 6.47
CA THR A 165 1.13 7.43 7.22
C THR A 165 1.08 8.25 8.50
N GLN A 166 -0.13 8.53 8.97
CA GLN A 166 -0.30 9.25 10.22
C GLN A 166 -1.33 8.51 11.02
N TRP A 167 -1.02 8.23 12.28
CA TRP A 167 -1.92 7.50 13.15
C TRP A 167 -2.52 8.40 14.21
N TYR A 168 -3.80 8.17 14.52
CA TYR A 168 -4.49 8.94 15.54
C TYR A 168 -5.16 8.01 16.55
N VAL A 169 -4.96 8.30 17.83
CA VAL A 169 -5.58 7.53 18.89
C VAL A 169 -6.66 8.44 19.45
N LYS A 170 -7.91 8.11 19.19
CA LYS A 170 -9.02 8.92 19.68
C LYS A 170 -10.18 8.04 20.09
N HIS A 171 -10.55 8.09 21.35
CA HIS A 171 -11.66 7.28 21.86
C HIS A 171 -11.26 5.81 21.94
N GLY A 172 -10.01 5.54 22.32
CA GLY A 172 -9.56 4.17 22.40
C GLY A 172 -9.58 3.46 21.06
N LYS A 173 -9.64 4.24 19.99
CA LYS A 173 -9.65 3.71 18.64
C LYS A 173 -8.43 4.21 17.87
N LEU A 174 -7.80 3.32 17.10
CA LEU A 174 -6.63 3.68 16.31
C LEU A 174 -7.06 3.97 14.88
N HIS A 175 -6.87 5.21 14.45
CA HIS A 175 -7.24 5.63 13.10
C HIS A 175 -5.97 5.72 12.27
N LEU A 176 -6.08 5.42 10.97
CA LEU A 176 -4.93 5.49 10.10
C LEU A 176 -5.22 6.24 8.81
N GLU A 177 -4.32 7.17 8.49
CA GLU A 177 -4.43 7.94 7.26
C GLU A 177 -3.12 7.77 6.52
N VAL A 178 -3.20 7.29 5.28
CA VAL A 178 -1.99 7.10 4.48
C VAL A 178 -2.12 7.90 3.19
N ARG A 179 -0.98 8.24 2.60
CA ARG A 179 -1.03 9.00 1.37
C ARG A 179 -0.09 8.47 0.31
N ALA A 180 -0.59 8.46 -0.93
CA ALA A 180 0.19 8.02 -2.08
C ALA A 180 0.37 9.24 -2.97
N ARG A 181 1.61 9.57 -3.29
CA ARG A 181 1.89 10.71 -4.14
C ARG A 181 1.54 10.37 -5.59
N SER A 182 1.70 9.10 -5.93
CA SER A 182 1.42 8.58 -7.26
C SER A 182 0.77 7.20 -7.11
N ASN A 183 -0.35 6.98 -7.80
CA ASN A 183 -1.03 5.70 -7.70
C ASN A 183 -1.48 5.11 -9.03
N ASP A 184 -0.96 3.91 -9.33
CA ASP A 184 -1.31 3.16 -10.55
C ASP A 184 -2.58 2.42 -10.14
N MET A 185 -3.73 2.99 -10.51
CA MET A 185 -5.02 2.43 -10.15
C MET A 185 -5.27 0.97 -10.50
N ALA A 186 -4.70 0.51 -11.60
CA ALA A 186 -4.91 -0.87 -12.02
C ALA A 186 -4.06 -1.86 -11.22
N LEU A 187 -2.77 -1.58 -11.10
CA LEU A 187 -1.87 -2.47 -10.37
C LEU A 187 -1.65 -2.15 -8.89
N GLY A 188 -0.93 -1.07 -8.62
CA GLY A 188 -0.63 -0.70 -7.25
C GLY A 188 -1.76 -0.43 -6.27
N ASN A 189 -2.74 0.38 -6.66
CA ASN A 189 -3.84 0.71 -5.76
C ASN A 189 -4.48 -0.46 -5.03
N PRO A 190 -5.00 -1.46 -5.77
CA PRO A 190 -5.63 -2.59 -5.07
C PRO A 190 -4.68 -3.19 -4.02
N PHE A 191 -3.40 -3.19 -4.33
CA PHE A 191 -2.37 -3.71 -3.43
C PHE A 191 -2.19 -2.79 -2.23
N ASN A 192 -2.08 -1.49 -2.50
CA ASN A 192 -1.87 -0.48 -1.47
C ASN A 192 -2.99 -0.34 -0.45
N VAL A 193 -4.21 -0.14 -0.93
CA VAL A 193 -5.36 0.02 -0.07
C VAL A 193 -5.55 -1.14 0.90
N PHE A 194 -5.35 -2.35 0.41
CA PHE A 194 -5.51 -3.55 1.23
C PHE A 194 -4.35 -3.75 2.20
N GLN A 195 -3.13 -3.80 1.69
CA GLN A 195 -1.96 -4.03 2.52
C GLN A 195 -1.81 -3.06 3.69
N TYR A 196 -2.28 -1.83 3.53
CA TYR A 196 -2.16 -0.86 4.60
C TYR A 196 -3.26 -0.98 5.64
N ASN A 197 -4.41 -1.51 5.24
CA ASN A 197 -5.50 -1.71 6.17
C ASN A 197 -5.09 -2.89 7.05
N VAL A 198 -4.28 -3.78 6.48
CA VAL A 198 -3.81 -4.94 7.20
C VAL A 198 -2.79 -4.46 8.23
N LEU A 199 -1.98 -3.48 7.85
CA LEU A 199 -0.99 -2.93 8.76
C LEU A 199 -1.69 -2.28 9.94
N GLN A 200 -2.82 -1.63 9.67
CA GLN A 200 -3.59 -0.99 10.73
C GLN A 200 -4.08 -2.04 11.71
N ARG A 201 -4.63 -3.12 11.17
CA ARG A 201 -5.14 -4.21 11.99
C ARG A 201 -4.04 -4.86 12.83
N MET A 202 -2.84 -4.97 12.27
CA MET A 202 -1.72 -5.57 12.99
C MET A 202 -1.30 -4.67 14.16
N ILE A 203 -1.01 -3.41 13.86
CA ILE A 203 -0.59 -2.44 14.87
C ILE A 203 -1.64 -2.30 15.97
N ALA A 204 -2.91 -2.34 15.59
CA ALA A 204 -4.00 -2.21 16.54
C ALA A 204 -4.01 -3.38 17.51
N GLN A 205 -3.78 -4.58 16.99
CA GLN A 205 -3.77 -5.79 17.81
C GLN A 205 -2.66 -5.75 18.86
N VAL A 206 -1.45 -5.43 18.43
CA VAL A 206 -0.31 -5.39 19.34
C VAL A 206 -0.27 -4.20 20.28
N THR A 207 -1.12 -3.20 20.06
CA THR A 207 -1.14 -2.02 20.94
C THR A 207 -2.36 -2.02 21.85
N GLY A 208 -3.36 -2.83 21.49
CA GLY A 208 -4.56 -2.92 22.29
C GLY A 208 -5.62 -1.87 22.05
N TYR A 209 -5.71 -1.36 20.82
CA TYR A 209 -6.70 -0.36 20.51
C TYR A 209 -7.78 -0.95 19.60
N GLU A 210 -8.95 -0.32 19.59
CA GLU A 210 -10.04 -0.77 18.74
C GLU A 210 -9.73 -0.21 17.35
N LEU A 211 -10.39 -0.74 16.33
CA LEU A 211 -10.15 -0.27 14.98
C LEU A 211 -10.85 1.06 14.73
N GLY A 212 -10.10 2.03 14.25
CA GLY A 212 -10.68 3.33 13.96
C GLY A 212 -10.98 3.47 12.48
N GLU A 213 -10.95 4.69 11.99
CA GLU A 213 -11.20 4.95 10.58
C GLU A 213 -9.96 4.65 9.76
N TYR A 214 -10.14 4.40 8.47
CA TYR A 214 -9.02 4.13 7.57
C TYR A 214 -9.20 5.05 6.36
N ILE A 215 -8.26 5.96 6.19
CA ILE A 215 -8.31 6.92 5.09
C ILE A 215 -7.13 6.78 4.14
N PHE A 216 -7.43 6.69 2.85
CA PHE A 216 -6.41 6.55 1.83
C PHE A 216 -6.45 7.76 0.89
N ASN A 217 -5.37 8.54 0.88
CA ASN A 217 -5.29 9.73 0.03
C ASN A 217 -4.37 9.51 -1.14
N ILE A 218 -4.75 10.03 -2.29
CA ILE A 218 -3.95 9.89 -3.50
C ILE A 218 -3.66 11.24 -4.14
N GLY A 219 -2.40 11.48 -4.46
CA GLY A 219 -2.02 12.72 -5.11
C GLY A 219 -2.31 12.61 -6.59
N ASP A 220 -1.37 12.03 -7.34
CA ASP A 220 -1.57 11.83 -8.77
C ASP A 220 -2.27 10.48 -8.99
N CYS A 221 -3.57 10.54 -9.24
CA CYS A 221 -4.40 9.36 -9.43
C CYS A 221 -4.56 9.10 -10.93
N HIS A 222 -3.82 8.11 -11.45
CA HIS A 222 -3.84 7.81 -12.87
C HIS A 222 -4.18 6.37 -13.28
N VAL A 223 -4.35 6.19 -14.58
CA VAL A 223 -4.65 4.91 -15.20
C VAL A 223 -3.92 4.86 -16.54
N TYR A 224 -2.98 3.94 -16.67
CA TYR A 224 -2.21 3.80 -17.91
C TYR A 224 -3.10 3.43 -19.09
N THR A 225 -2.85 4.03 -20.25
CA THR A 225 -3.63 3.80 -21.46
C THR A 225 -3.98 2.35 -21.82
N ARG A 226 -3.01 1.45 -21.71
CA ARG A 226 -3.24 0.05 -22.05
C ARG A 226 -4.13 -0.72 -21.07
N HIS A 227 -4.48 -0.09 -19.95
CA HIS A 227 -5.31 -0.75 -18.96
C HIS A 227 -6.80 -0.43 -19.09
N ILE A 228 -7.11 0.66 -19.79
CA ILE A 228 -8.50 1.07 -19.96
C ILE A 228 -9.47 -0.05 -20.31
N ASP A 229 -9.15 -0.82 -21.35
CA ASP A 229 -10.02 -1.90 -21.78
C ASP A 229 -10.41 -2.88 -20.68
N ASN A 230 -9.42 -3.40 -19.97
CA ASN A 230 -9.69 -4.35 -18.89
C ASN A 230 -10.45 -3.71 -17.73
N LEU A 231 -10.14 -2.46 -17.41
CA LEU A 231 -10.82 -1.77 -16.32
C LEU A 231 -12.28 -1.55 -16.67
N LYS A 232 -12.55 -1.25 -17.94
CA LYS A 232 -13.92 -1.04 -18.38
C LYS A 232 -14.69 -2.33 -18.12
N ILE A 233 -14.02 -3.45 -18.36
CA ILE A 233 -14.62 -4.76 -18.13
C ILE A 233 -14.82 -4.97 -16.64
N GLN A 234 -13.73 -4.81 -15.89
CA GLN A 234 -13.76 -4.98 -14.44
C GLN A 234 -14.87 -4.20 -13.75
N MET A 235 -15.14 -3.00 -14.24
CA MET A 235 -16.17 -2.15 -13.67
C MET A 235 -17.59 -2.66 -13.88
N GLU A 236 -17.80 -3.37 -14.98
CA GLU A 236 -19.13 -3.90 -15.29
C GLU A 236 -19.42 -5.23 -14.59
N ARG A 237 -18.36 -5.86 -14.07
CA ARG A 237 -18.51 -7.13 -13.37
C ARG A 237 -19.30 -6.95 -12.09
N GLU A 238 -19.83 -8.04 -11.55
CA GLU A 238 -20.60 -7.98 -10.32
C GLU A 238 -19.64 -8.07 -9.14
N GLN A 239 -20.11 -7.68 -7.96
CA GLN A 239 -19.29 -7.72 -6.76
C GLN A 239 -19.91 -8.63 -5.72
N PHE A 240 -19.08 -9.16 -4.82
CA PHE A 240 -19.54 -10.05 -3.77
C PHE A 240 -19.27 -9.42 -2.41
N GLU A 241 -19.95 -9.93 -1.38
CA GLU A 241 -19.75 -9.41 -0.03
C GLU A 241 -18.27 -9.50 0.30
N ALA A 242 -17.78 -8.50 1.03
CA ALA A 242 -16.38 -8.47 1.40
C ALA A 242 -16.05 -9.68 2.28
N PRO A 243 -14.82 -10.21 2.15
CA PRO A 243 -14.43 -11.37 2.95
C PRO A 243 -14.04 -10.95 4.35
N GLU A 244 -13.82 -11.94 5.22
CA GLU A 244 -13.41 -11.67 6.59
C GLU A 244 -11.92 -11.95 6.69
N LEU A 245 -11.21 -11.12 7.45
CA LEU A 245 -9.78 -11.30 7.61
C LEU A 245 -9.46 -11.87 8.98
N TRP A 246 -8.89 -13.07 9.00
CA TRP A 246 -8.53 -13.70 10.26
C TRP A 246 -7.06 -13.44 10.53
N ILE A 247 -6.78 -12.88 11.71
CA ILE A 247 -5.40 -12.61 12.10
C ILE A 247 -5.16 -13.37 13.40
N ASN A 248 -4.10 -14.17 13.42
CA ASN A 248 -3.76 -14.96 14.59
C ASN A 248 -3.84 -14.13 15.87
N PRO A 249 -4.83 -14.43 16.73
CA PRO A 249 -5.01 -13.71 18.00
C PRO A 249 -3.85 -13.94 18.97
N GLU A 250 -3.10 -15.01 18.74
CA GLU A 250 -1.98 -15.37 19.58
C GLU A 250 -0.86 -14.33 19.53
N VAL A 251 -0.59 -13.80 18.34
CA VAL A 251 0.47 -12.81 18.18
C VAL A 251 0.24 -11.54 18.98
N LYS A 252 1.19 -11.22 19.85
CA LYS A 252 1.11 -10.04 20.69
C LYS A 252 2.23 -9.07 20.34
N ASP A 253 3.26 -9.58 19.66
CA ASP A 253 4.38 -8.75 19.25
C ASP A 253 4.38 -8.56 17.74
N PHE A 254 4.53 -7.31 17.31
CA PHE A 254 4.52 -6.96 15.90
C PHE A 254 5.45 -7.83 15.04
N TYR A 255 6.67 -8.04 15.53
CA TYR A 255 7.65 -8.83 14.79
C TYR A 255 7.49 -10.35 14.87
N ASP A 256 6.34 -10.79 15.38
CA ASP A 256 6.08 -12.23 15.50
C ASP A 256 5.13 -12.70 14.40
N PHE A 257 4.58 -11.75 13.65
CA PHE A 257 3.66 -12.07 12.57
C PHE A 257 4.36 -12.77 11.42
N THR A 258 3.65 -13.70 10.79
CA THR A 258 4.16 -14.42 9.63
C THR A 258 3.03 -14.50 8.64
N ILE A 259 3.36 -14.69 7.36
CA ILE A 259 2.35 -14.75 6.31
C ILE A 259 1.23 -15.75 6.63
N ASP A 260 1.54 -16.76 7.45
CA ASP A 260 0.57 -17.79 7.81
C ASP A 260 -0.44 -17.33 8.85
N ASP A 261 -0.19 -16.18 9.47
CA ASP A 261 -1.08 -15.64 10.48
C ASP A 261 -2.26 -14.89 9.89
N PHE A 262 -2.33 -14.83 8.56
CA PHE A 262 -3.42 -14.13 7.88
C PHE A 262 -4.19 -15.08 6.99
N LYS A 263 -5.51 -15.03 7.11
CA LYS A 263 -6.39 -15.89 6.31
C LYS A 263 -7.62 -15.12 5.89
N LEU A 264 -7.86 -15.05 4.58
CA LEU A 264 -9.04 -14.37 4.06
C LEU A 264 -10.14 -15.42 4.00
N ILE A 265 -11.25 -15.14 4.65
CA ILE A 265 -12.37 -16.07 4.68
C ILE A 265 -13.51 -15.66 3.75
N ASN A 266 -13.95 -16.61 2.93
CA ASN A 266 -15.05 -16.37 2.00
C ASN A 266 -14.78 -15.27 0.98
N TYR A 267 -13.55 -15.21 0.49
CA TYR A 267 -13.19 -14.20 -0.49
C TYR A 267 -13.66 -14.62 -1.88
N LYS A 268 -14.83 -14.13 -2.27
CA LYS A 268 -15.40 -14.42 -3.59
C LYS A 268 -14.99 -13.28 -4.51
N HIS A 269 -14.52 -13.61 -5.71
CA HIS A 269 -14.07 -12.58 -6.64
C HIS A 269 -14.24 -12.97 -8.09
N GLY A 270 -14.08 -12.00 -8.98
CA GLY A 270 -14.18 -12.24 -10.40
C GLY A 270 -12.87 -12.85 -10.89
N ASP A 271 -12.78 -13.14 -12.18
CA ASP A 271 -11.58 -13.73 -12.73
C ASP A 271 -10.39 -12.78 -12.74
N LYS A 272 -9.19 -13.35 -12.81
CA LYS A 272 -7.96 -12.56 -12.83
C LYS A 272 -7.92 -11.70 -14.09
N LEU A 273 -7.26 -10.55 -13.99
CA LEU A 273 -7.14 -9.64 -15.11
C LEU A 273 -5.66 -9.26 -15.28
N LEU A 274 -5.19 -9.29 -16.52
CA LEU A 274 -3.80 -8.96 -16.82
C LEU A 274 -3.63 -7.46 -17.07
N PHE A 275 -2.59 -6.89 -16.48
CA PHE A 275 -2.28 -5.47 -16.66
C PHE A 275 -0.78 -5.36 -16.82
N GLU A 276 -0.35 -4.83 -17.97
CA GLU A 276 1.08 -4.68 -18.21
C GLU A 276 1.64 -3.64 -17.24
N VAL A 277 2.87 -3.86 -16.80
CA VAL A 277 3.49 -2.93 -15.86
C VAL A 277 4.42 -1.92 -16.55
N ALA A 278 4.26 -0.66 -16.19
CA ALA A 278 5.10 0.40 -16.75
C ALA A 278 6.27 0.56 -15.79
N VAL A 279 7.48 0.49 -16.33
CA VAL A 279 8.69 0.60 -15.51
C VAL A 279 9.33 1.99 -15.51
N1 UFP B . 2.86 2.96 -7.64
C2 UFP B . 1.68 2.71 -6.91
N3 UFP B . 1.73 2.12 -5.61
C4 UFP B . 2.92 1.58 -4.97
C5 UFP B . 4.31 1.43 -5.83
C6 UFP B . 4.28 2.74 -6.88
O2 UFP B . 0.55 2.71 -7.42
O4 UFP B . 2.98 1.38 -3.75
F5 UFP B . 5.42 1.36 -5.11
C1' UFP B . 2.87 3.45 -9.07
C2' UFP B . 2.40 4.86 -9.34
C3' UFP B . 3.13 5.08 -10.66
C4' UFP B . 4.42 4.32 -10.58
O3' UFP B . 2.34 4.59 -11.71
O4' UFP B . 4.18 3.26 -9.67
C5' UFP B . 5.73 5.00 -10.11
O5' UFP B . 6.09 5.98 -11.13
P UFP B . 6.30 7.49 -10.71
O1P UFP B . 7.46 7.51 -9.80
O2P UFP B . 5.04 8.01 -10.22
O3P UFP B . 6.51 8.12 -12.14
N1 C2F C . 5.19 0.53 -11.35
C2 C2F C . 3.86 0.53 -11.87
NA2 C2F C . 3.57 1.03 -13.15
N3 C2F C . 2.76 0.26 -11.04
C4 C2F C . 2.94 -0.13 -9.65
O4 C2F C . 2.01 -0.29 -8.85
C4A C2F C . 4.38 -0.05 -9.12
N5 C2F C . 4.75 -0.50 -7.75
C6 C2F C . 6.02 -1.03 -7.51
C7 C2F C . 7.10 -0.20 -8.15
N8 C2F C . 6.75 0.27 -9.51
C8A C2F C . 5.43 0.35 -9.97
C9 C2F C . 6.19 -2.55 -7.86
N10 C2F C . 4.95 -3.22 -7.31
C11 C2F C . 4.04 -0.03 -6.54
C12 C2F C . 2.36 -5.74 -9.72
C13 C2F C . 3.50 -5.09 -10.30
C14 C2F C . 4.33 -4.24 -9.55
C15 C2F C . 3.98 -3.89 -8.20
C16 C2F C . 2.74 -4.42 -7.66
C17 C2F C . 1.99 -5.34 -8.37
C C2F C . 1.56 -6.82 -10.45
O C2F C . 2.04 -7.25 -11.54
N C2F C . 0.32 -7.21 -9.86
CA C2F C . -0.26 -8.42 -10.49
CB C2F C . 0.02 -9.60 -9.53
CG C2F C . 0.25 -11.11 -9.77
CD C2F C . 1.32 -11.64 -8.74
OE1 C2F C . 2.53 -11.40 -9.07
OE2 C2F C . 0.91 -12.43 -7.87
CT C2F C . -1.74 -8.10 -10.72
O1 C2F C . -2.28 -7.60 -9.70
O2 C2F C . -2.21 -8.41 -11.82
#